data_6HMT
#
_entry.id   6HMT
#
_cell.length_a   81.934
_cell.length_b   112.435
_cell.length_c   62.394
_cell.angle_alpha   90.000
_cell.angle_beta   90.000
_cell.angle_gamma   90.000
#
_symmetry.space_group_name_H-M   'C 2 2 21'
#
loop_
_entity.id
_entity.type
_entity.pdbx_description
1 polymer '14-3-3 protein sigma'
2 polymer 'Estrogen Receptor'
3 non-polymer 'MAGNESIUM ION'
4 non-polymer 2-(4-chloranylphenoxy)-2-methyl-~{N}-(2-sulfanylethyl)propanamide
5 water water
#
loop_
_entity_poly.entity_id
_entity_poly.type
_entity_poly.pdbx_seq_one_letter_code
_entity_poly.pdbx_strand_id
1 'polypeptide(L)'
;GAMGSMERASLIQKAKLAEQAERYEDMAAFMKGAVEKGEELSNEERCLLSVAYKNVVGGQRAAWRVLSSIEQKSNEEGSE
EKGPEVREYREKVETELQGVCDTVLGLLDSHLIKEAGDAESRVFYLKMKGDYYRYLAEVATGDDKKRIIDSARSAYQEAM
DISKKEMPPTNPIRLGLALNFSVFHYEIANSPEEAISLAKTTFDEAMADLHTLSEDSYKDSTLIMQLLRDNLTLWT
;
A
2 'polypeptide(L)' AEGFPA(TPO)V B
#
# COMPACT_ATOMS: atom_id res chain seq x y z
N GLY A 1 6.14 21.48 -11.10
CA GLY A 1 4.96 20.66 -11.22
C GLY A 1 3.77 21.42 -11.78
N ALA A 2 2.93 20.71 -12.54
CA ALA A 2 1.76 21.32 -13.15
C ALA A 2 0.74 21.81 -12.14
N MET A 3 0.80 21.31 -10.89
CA MET A 3 -0.07 21.78 -9.83
C MET A 3 0.53 22.92 -9.02
N GLY A 4 1.74 23.39 -9.40
CA GLY A 4 2.42 24.39 -8.60
C GLY A 4 1.67 25.69 -8.46
N SER A 5 0.82 26.03 -9.43
CA SER A 5 0.08 27.28 -9.37
C SER A 5 -1.25 27.18 -8.66
N MET A 6 -1.68 25.98 -8.24
CA MET A 6 -2.98 25.82 -7.61
C MET A 6 -2.84 25.83 -6.09
N GLU A 7 -3.75 26.53 -5.42
CA GLU A 7 -3.75 26.59 -3.96
C GLU A 7 -3.81 25.18 -3.36
N ARG A 8 -3.12 25.00 -2.23
CA ARG A 8 -3.20 23.75 -1.49
C ARG A 8 -4.65 23.35 -1.21
N ALA A 9 -5.45 24.29 -0.70
CA ALA A 9 -6.82 23.95 -0.33
C ALA A 9 -7.63 23.56 -1.54
N SER A 10 -7.36 24.20 -2.69
CA SER A 10 -8.06 23.86 -3.92
C SER A 10 -7.69 22.47 -4.41
N LEU A 11 -6.42 22.10 -4.26
CA LEU A 11 -5.99 20.75 -4.62
C LEU A 11 -6.69 19.70 -3.77
N ILE A 12 -6.80 19.95 -2.46
CA ILE A 12 -7.49 19.03 -1.58
C ILE A 12 -8.97 18.93 -1.96
N GLN A 13 -9.60 20.08 -2.19
CA GLN A 13 -11.00 20.08 -2.60
C GLN A 13 -11.22 19.28 -3.87
N LYS A 14 -10.34 19.48 -4.86
CA LYS A 14 -10.48 18.76 -6.12
C LYS A 14 -10.15 17.29 -5.97
N ALA A 15 -9.24 16.92 -5.07
CA ALA A 15 -9.00 15.50 -4.81
C ALA A 15 -10.27 14.83 -4.32
N LYS A 16 -11.01 15.52 -3.44
CA LYS A 16 -12.27 14.97 -2.94
C LYS A 16 -13.31 14.84 -4.05
N LEU A 17 -13.39 15.85 -4.94
CA LEU A 17 -14.29 15.75 -6.08
C LEU A 17 -13.90 14.60 -7.00
N ALA A 18 -12.60 14.46 -7.27
CA ALA A 18 -12.13 13.38 -8.11
C ALA A 18 -12.48 12.03 -7.52
N GLU A 19 -12.37 11.90 -6.20
CA GLU A 19 -12.79 10.64 -5.57
C GLU A 19 -14.27 10.38 -5.81
N GLN A 20 -15.12 11.39 -5.63
CA GLN A 20 -16.55 11.21 -5.87
C GLN A 20 -16.83 10.81 -7.31
N ALA A 21 -16.04 11.33 -8.25
CA ALA A 21 -16.20 11.01 -9.66
C ALA A 21 -15.44 9.76 -10.08
N GLU A 22 -14.80 9.07 -9.14
CA GLU A 22 -14.00 7.88 -9.43
C GLU A 22 -12.90 8.15 -10.46
N ARG A 23 -12.31 9.34 -10.39
CA ARG A 23 -11.23 9.77 -11.27
C ARG A 23 -9.92 9.70 -10.47
N TYR A 24 -9.42 8.48 -10.29
CA TYR A 24 -8.35 8.29 -9.34
C TYR A 24 -7.00 8.81 -9.83
N GLU A 25 -6.75 8.78 -11.13
CA GLU A 25 -5.54 9.39 -11.64
C GLU A 25 -5.52 10.89 -11.35
N ASP A 26 -6.65 11.58 -11.59
CA ASP A 26 -6.74 12.99 -11.22
C ASP A 26 -6.54 13.16 -9.72
N MET A 27 -7.21 12.32 -8.93
CA MET A 27 -7.11 12.43 -7.48
C MET A 27 -5.65 12.35 -7.05
N ALA A 28 -4.91 11.40 -7.63
CA ALA A 28 -3.51 11.24 -7.27
C ALA A 28 -2.69 12.46 -7.69
N ALA A 29 -2.94 12.99 -8.89
CA ALA A 29 -2.20 14.17 -9.32
C ALA A 29 -2.47 15.37 -8.42
N PHE A 30 -3.72 15.55 -7.99
CA PHE A 30 -4.05 16.63 -7.06
C PHE A 30 -3.34 16.44 -5.73
N MET A 31 -3.33 15.21 -5.21
CA MET A 31 -2.68 14.97 -3.93
C MET A 31 -1.16 15.07 -4.01
N LYS A 32 -0.57 14.67 -5.14
CA LYS A 32 0.86 14.91 -5.34
C LYS A 32 1.16 16.41 -5.27
N GLY A 33 0.35 17.21 -5.97
CA GLY A 33 0.50 18.65 -5.87
C GLY A 33 0.38 19.17 -4.45
N ALA A 34 -0.59 18.64 -3.69
CA ALA A 34 -0.75 19.08 -2.31
C ALA A 34 0.47 18.73 -1.47
N VAL A 35 0.97 17.50 -1.60
CA VAL A 35 2.18 17.11 -0.86
C VAL A 35 3.33 18.05 -1.20
N GLU A 36 3.48 18.37 -2.48
CA GLU A 36 4.60 19.19 -2.92
C GLU A 36 4.53 20.63 -2.45
N LYS A 37 3.42 21.05 -1.84
CA LYS A 37 3.40 22.35 -1.17
C LYS A 37 4.35 22.39 0.02
N GLY A 38 4.73 21.24 0.56
CA GLY A 38 5.75 21.19 1.58
C GLY A 38 5.22 21.14 3.00
N GLU A 39 3.93 21.35 3.21
N GLU A 39 3.93 21.36 3.22
CA GLU A 39 3.34 21.27 4.54
CA GLU A 39 3.36 21.27 4.55
C GLU A 39 3.00 19.82 4.87
C GLU A 39 3.02 19.82 4.88
N GLU A 40 3.01 19.50 6.17
CA GLU A 40 2.57 18.18 6.61
C GLU A 40 1.10 17.98 6.24
N LEU A 41 0.69 16.70 6.20
CA LEU A 41 -0.68 16.33 5.87
C LEU A 41 -1.43 15.97 7.13
N SER A 42 -2.71 16.32 7.17
CA SER A 42 -3.59 15.88 8.24
C SER A 42 -3.98 14.41 8.03
N ASN A 43 -4.66 13.84 9.04
N ASN A 43 -4.65 13.85 9.05
CA ASN A 43 -5.11 12.45 8.92
CA ASN A 43 -5.14 12.48 8.96
C ASN A 43 -5.98 12.26 7.69
C ASN A 43 -5.98 12.28 7.70
N GLU A 44 -6.96 13.15 7.48
CA GLU A 44 -7.83 13.01 6.32
C GLU A 44 -7.04 13.14 5.02
N GLU A 45 -6.08 14.06 4.97
CA GLU A 45 -5.29 14.25 3.76
C GLU A 45 -4.41 13.05 3.48
N ARG A 46 -3.85 12.42 4.51
CA ARG A 46 -3.09 11.19 4.30
C ARG A 46 -3.97 10.11 3.69
N CYS A 47 -5.22 10.02 4.14
CA CYS A 47 -6.15 9.06 3.54
C CYS A 47 -6.43 9.38 2.09
N LEU A 48 -6.59 10.67 1.74
CA LEU A 48 -6.79 11.01 0.34
C LEU A 48 -5.61 10.59 -0.52
N LEU A 49 -4.39 10.84 -0.03
CA LEU A 49 -3.19 10.46 -0.77
C LEU A 49 -3.15 8.96 -0.97
N SER A 50 -3.40 8.19 0.10
N SER A 50 -3.41 8.19 0.10
CA SER A 50 -3.31 6.74 0.04
CA SER A 50 -3.29 6.75 0.01
C SER A 50 -4.38 6.16 -0.87
C SER A 50 -4.39 6.14 -0.85
N VAL A 51 -5.62 6.65 -0.75
CA VAL A 51 -6.71 6.13 -1.56
C VAL A 51 -6.44 6.35 -3.04
N ALA A 52 -5.97 7.55 -3.39
CA ALA A 52 -5.73 7.87 -4.79
C ALA A 52 -4.71 6.91 -5.40
N TYR A 53 -3.55 6.80 -4.78
CA TYR A 53 -2.51 5.96 -5.36
C TYR A 53 -2.83 4.47 -5.23
N LYS A 54 -3.50 4.05 -4.16
CA LYS A 54 -3.89 2.64 -4.06
C LYS A 54 -4.78 2.24 -5.22
N ASN A 55 -5.71 3.10 -5.61
CA ASN A 55 -6.59 2.81 -6.72
C ASN A 55 -5.85 2.83 -8.05
N VAL A 56 -4.98 3.82 -8.27
CA VAL A 56 -4.22 3.86 -9.52
C VAL A 56 -3.36 2.60 -9.66
N VAL A 57 -2.54 2.33 -8.64
CA VAL A 57 -1.62 1.20 -8.74
C VAL A 57 -2.38 -0.12 -8.70
N GLY A 58 -3.51 -0.17 -8.00
CA GLY A 58 -4.32 -1.39 -7.99
C GLY A 58 -4.82 -1.74 -9.38
N GLY A 59 -5.23 -0.75 -10.15
CA GLY A 59 -5.64 -1.01 -11.52
C GLY A 59 -4.47 -1.47 -12.39
N GLN A 60 -3.30 -0.86 -12.19
CA GLN A 60 -2.13 -1.28 -12.94
C GLN A 60 -1.73 -2.70 -12.61
N ARG A 61 -1.78 -3.06 -11.32
CA ARG A 61 -1.44 -4.41 -10.90
C ARG A 61 -2.39 -5.43 -11.50
N ALA A 62 -3.68 -5.13 -11.51
CA ALA A 62 -4.65 -6.05 -12.08
C ALA A 62 -4.37 -6.26 -13.57
N ALA A 63 -4.07 -5.17 -14.28
CA ALA A 63 -3.76 -5.28 -15.71
C ALA A 63 -2.47 -6.05 -15.94
N TRP A 64 -1.44 -5.76 -15.14
CA TRP A 64 -0.18 -6.49 -15.25
C TRP A 64 -0.39 -7.98 -15.06
N ARG A 65 -1.23 -8.37 -14.09
CA ARG A 65 -1.46 -9.79 -13.86
C ARG A 65 -2.17 -10.44 -15.04
N VAL A 66 -3.15 -9.76 -15.66
CA VAL A 66 -3.79 -10.29 -16.85
C VAL A 66 -2.76 -10.53 -17.94
N LEU A 67 -1.93 -9.52 -18.20
CA LEU A 67 -0.96 -9.63 -19.29
C LEU A 67 0.12 -10.66 -18.99
N SER A 68 0.58 -10.70 -17.74
CA SER A 68 1.58 -11.70 -17.36
CA SER A 68 1.58 -11.70 -17.35
C SER A 68 1.05 -13.11 -17.53
N SER A 69 -0.23 -13.33 -17.21
CA SER A 69 -0.82 -14.66 -17.40
C SER A 69 -0.85 -15.03 -18.88
N ILE A 70 -1.25 -14.09 -19.73
CA ILE A 70 -1.22 -14.34 -21.17
C ILE A 70 0.19 -14.64 -21.62
N GLU A 71 1.16 -13.88 -21.12
CA GLU A 71 2.56 -14.07 -21.51
C GLU A 71 3.06 -15.45 -21.10
N GLN A 72 2.71 -15.88 -19.88
CA GLN A 72 3.13 -17.20 -19.40
C GLN A 72 2.55 -18.30 -20.27
N LYS A 73 1.27 -18.20 -20.62
CA LYS A 73 0.65 -19.21 -21.48
C LYS A 73 1.29 -19.22 -22.86
N SER A 74 1.66 -18.05 -23.37
CA SER A 74 2.31 -17.97 -24.67
C SER A 74 3.66 -18.67 -24.68
N ASN A 75 4.30 -18.80 -23.52
CA ASN A 75 5.61 -19.43 -23.41
C ASN A 75 5.51 -20.89 -22.99
N GLU A 76 4.32 -21.48 -23.01
CA GLU A 76 4.16 -22.90 -22.76
C GLU A 76 4.45 -23.70 -24.03
N GLU A 77 4.65 -25.00 -23.85
CA GLU A 77 4.93 -25.86 -24.99
C GLU A 77 3.67 -26.10 -25.81
N GLY A 78 3.81 -26.03 -27.12
CA GLY A 78 2.68 -26.17 -28.03
C GLY A 78 1.99 -24.87 -28.38
N SER A 79 2.35 -23.76 -27.74
CA SER A 79 1.75 -22.47 -28.05
C SER A 79 2.41 -21.87 -29.28
N GLU A 80 1.61 -21.17 -30.08
CA GLU A 80 2.12 -20.55 -31.29
C GLU A 80 2.86 -19.26 -30.98
N GLU A 81 3.96 -19.03 -31.70
CA GLU A 81 4.70 -17.79 -31.56
C GLU A 81 3.84 -16.64 -32.05
N LYS A 82 3.53 -15.71 -31.14
CA LYS A 82 2.73 -14.54 -31.48
C LYS A 82 3.56 -13.28 -31.66
N GLY A 83 4.88 -13.37 -31.54
CA GLY A 83 5.74 -12.23 -31.66
C GLY A 83 6.03 -11.58 -30.32
N PRO A 84 6.68 -10.42 -30.35
CA PRO A 84 7.07 -9.74 -29.11
C PRO A 84 5.97 -8.93 -28.45
N GLU A 85 4.76 -8.90 -29.01
CA GLU A 85 3.78 -7.90 -28.61
C GLU A 85 3.29 -8.09 -27.17
N VAL A 86 3.05 -9.33 -26.74
CA VAL A 86 2.57 -9.54 -25.37
C VAL A 86 3.61 -9.07 -24.37
N ARG A 87 4.87 -9.47 -24.57
CA ARG A 87 5.94 -9.02 -23.69
C ARG A 87 6.06 -7.51 -23.71
N GLU A 88 6.01 -6.91 -24.90
CA GLU A 88 6.14 -5.45 -25.01
C GLU A 88 5.04 -4.76 -24.22
N TYR A 89 3.81 -5.23 -24.37
CA TYR A 89 2.72 -4.52 -23.72
C TYR A 89 2.73 -4.75 -22.20
N ARG A 90 3.06 -5.98 -21.77
CA ARG A 90 3.28 -6.22 -20.34
C ARG A 90 4.36 -5.30 -19.81
N GLU A 91 5.46 -5.14 -20.57
N GLU A 91 5.46 -5.13 -20.56
CA GLU A 91 6.54 -4.24 -20.16
CA GLU A 91 6.53 -4.24 -20.14
C GLU A 91 6.07 -2.79 -20.09
C GLU A 91 6.06 -2.79 -20.07
N LYS A 92 5.20 -2.38 -21.01
CA LYS A 92 4.69 -1.02 -20.98
C LYS A 92 3.90 -0.76 -19.71
N VAL A 93 2.98 -1.66 -19.37
CA VAL A 93 2.19 -1.52 -18.15
C VAL A 93 3.10 -1.58 -16.94
N GLU A 94 4.06 -2.51 -16.95
CA GLU A 94 5.00 -2.65 -15.84
C GLU A 94 5.79 -1.38 -15.61
N THR A 95 6.25 -0.74 -16.70
CA THR A 95 7.05 0.48 -16.56
C THR A 95 6.21 1.61 -16.02
N GLU A 96 4.95 1.69 -16.44
N GLU A 96 4.94 1.69 -16.42
CA GLU A 96 4.03 2.70 -15.90
CA GLU A 96 4.07 2.72 -15.87
C GLU A 96 3.80 2.46 -14.42
C GLU A 96 3.79 2.46 -14.40
N LEU A 97 3.58 1.20 -14.02
CA LEU A 97 3.39 0.86 -12.62
C LEU A 97 4.62 1.24 -11.79
N GLN A 98 5.80 0.89 -12.28
CA GLN A 98 7.03 1.25 -11.58
C GLN A 98 7.16 2.76 -11.44
N GLY A 99 6.77 3.50 -12.47
CA GLY A 99 6.81 4.95 -12.38
C GLY A 99 5.92 5.51 -11.30
N VAL A 100 4.72 4.97 -11.17
CA VAL A 100 3.82 5.42 -10.11
C VAL A 100 4.38 5.07 -8.74
N CYS A 101 4.90 3.84 -8.57
CA CYS A 101 5.52 3.48 -7.32
C CYS A 101 6.69 4.40 -6.97
N ASP A 102 7.54 4.69 -7.97
CA ASP A 102 8.66 5.59 -7.73
C ASP A 102 8.17 6.97 -7.32
N THR A 103 7.08 7.44 -7.93
CA THR A 103 6.52 8.73 -7.56
C THR A 103 6.07 8.75 -6.11
N VAL A 104 5.34 7.72 -5.68
CA VAL A 104 4.88 7.67 -4.29
C VAL A 104 6.05 7.59 -3.34
N LEU A 105 6.99 6.70 -3.62
CA LEU A 105 8.18 6.58 -2.78
C LEU A 105 8.93 7.90 -2.73
N GLY A 106 8.96 8.63 -3.85
CA GLY A 106 9.60 9.93 -3.85
C GLY A 106 8.93 10.95 -2.95
N LEU A 107 7.60 10.95 -2.93
CA LEU A 107 6.88 11.85 -2.02
C LEU A 107 7.17 11.48 -0.57
N LEU A 108 7.21 10.19 -0.28
CA LEU A 108 7.49 9.74 1.08
C LEU A 108 8.89 10.13 1.52
N ASP A 109 9.86 10.03 0.60
N ASP A 109 9.87 10.00 0.63
CA ASP A 109 11.24 10.34 0.94
CA ASP A 109 11.24 10.35 0.97
C ASP A 109 11.56 11.83 0.83
C ASP A 109 11.45 11.86 1.00
N SER A 110 10.70 12.61 0.19
CA SER A 110 10.93 14.05 0.00
C SER A 110 9.59 14.79 0.14
N HIS A 111 9.14 15.03 1.37
CA HIS A 111 9.86 14.77 2.63
C HIS A 111 8.88 14.32 3.71
N LEU A 112 7.87 13.53 3.33
CA LEU A 112 6.80 13.21 4.27
C LEU A 112 7.30 12.47 5.50
N ILE A 113 8.10 11.42 5.29
CA ILE A 113 8.50 10.58 6.42
C ILE A 113 9.35 11.36 7.42
N LYS A 114 10.32 12.14 6.92
CA LYS A 114 11.25 12.78 7.85
C LYS A 114 10.58 13.82 8.72
N GLU A 115 9.45 14.38 8.29
N GLU A 115 9.45 14.39 8.31
CA GLU A 115 8.71 15.34 9.08
CA GLU A 115 8.73 15.34 9.14
C GLU A 115 7.67 14.69 9.99
C GLU A 115 7.58 14.72 9.91
N ALA A 116 7.39 13.40 9.82
CA ALA A 116 6.31 12.72 10.52
C ALA A 116 6.79 12.22 11.87
N GLY A 117 6.33 12.85 12.94
CA GLY A 117 6.74 12.51 14.29
C GLY A 117 5.71 11.75 15.10
N ASP A 118 4.42 11.99 14.87
CA ASP A 118 3.40 11.27 15.61
C ASP A 118 3.24 9.87 15.04
N ALA A 119 2.87 8.91 15.90
CA ALA A 119 2.76 7.54 15.43
C ALA A 119 1.75 7.41 14.30
N GLU A 120 0.61 8.10 14.42
N GLU A 120 0.65 8.16 14.37
CA GLU A 120 -0.43 7.99 13.40
CA GLU A 120 -0.43 7.99 13.41
C GLU A 120 0.15 8.30 12.02
C GLU A 120 -0.04 8.46 12.01
N SER A 121 0.92 9.39 11.91
CA SER A 121 1.45 9.78 10.61
C SER A 121 2.63 8.90 10.21
N ARG A 122 3.59 8.70 11.11
CA ARG A 122 4.82 8.02 10.76
C ARG A 122 4.55 6.54 10.42
N VAL A 123 3.75 5.85 11.22
CA VAL A 123 3.39 4.47 10.91
C VAL A 123 2.68 4.39 9.56
N PHE A 124 1.75 5.31 9.31
CA PHE A 124 1.01 5.29 8.06
C PHE A 124 1.93 5.45 6.86
N TYR A 125 2.88 6.40 6.93
CA TYR A 125 3.78 6.61 5.80
C TYR A 125 4.76 5.45 5.63
N LEU A 126 5.27 4.89 6.72
CA LEU A 126 6.18 3.78 6.61
C LEU A 126 5.46 2.54 6.07
N LYS A 127 4.20 2.34 6.46
CA LYS A 127 3.39 1.31 5.84
C LYS A 127 3.27 1.53 4.34
N MET A 128 2.97 2.77 3.91
CA MET A 128 2.90 3.06 2.48
C MET A 128 4.23 2.74 1.81
N LYS A 129 5.35 3.10 2.44
CA LYS A 129 6.65 2.80 1.84
C LYS A 129 6.82 1.30 1.63
N GLY A 130 6.44 0.50 2.65
CA GLY A 130 6.47 -0.94 2.48
C GLY A 130 5.56 -1.42 1.35
N ASP A 131 4.35 -0.85 1.27
CA ASP A 131 3.40 -1.24 0.23
C ASP A 131 3.97 -0.99 -1.16
N TYR A 132 4.54 0.19 -1.40
CA TYR A 132 4.99 0.52 -2.76
C TYR A 132 6.27 -0.22 -3.14
N TYR A 133 7.15 -0.50 -2.18
CA TYR A 133 8.24 -1.43 -2.45
C TYR A 133 7.70 -2.84 -2.71
N ARG A 134 6.64 -3.25 -2.00
CA ARG A 134 6.03 -4.55 -2.27
C ARG A 134 5.49 -4.61 -3.71
N TYR A 135 4.85 -3.55 -4.18
CA TYR A 135 4.38 -3.56 -5.57
C TYR A 135 5.54 -3.61 -6.56
N LEU A 136 6.64 -2.91 -6.26
CA LEU A 136 7.83 -3.06 -7.09
C LEU A 136 8.35 -4.49 -7.05
N ALA A 137 8.29 -5.12 -5.88
CA ALA A 137 8.77 -6.50 -5.76
C ALA A 137 7.93 -7.48 -6.55
N GLU A 138 6.63 -7.22 -6.66
CA GLU A 138 5.75 -8.11 -7.41
C GLU A 138 6.20 -8.26 -8.86
N VAL A 139 6.80 -7.22 -9.45
CA VAL A 139 7.21 -7.24 -10.85
C VAL A 139 8.72 -7.36 -11.03
N ALA A 140 9.49 -7.42 -9.95
CA ALA A 140 10.94 -7.37 -10.05
C ALA A 140 11.51 -8.72 -10.48
N THR A 141 12.55 -8.65 -11.33
CA THR A 141 13.29 -9.85 -11.77
C THR A 141 14.80 -9.63 -11.87
N GLY A 142 15.33 -8.44 -11.61
CA GLY A 142 16.71 -8.12 -11.89
C GLY A 142 17.65 -8.25 -10.70
N ASP A 143 18.86 -7.70 -10.88
CA ASP A 143 19.91 -7.79 -9.87
C ASP A 143 19.46 -7.22 -8.53
N ASP A 144 18.53 -6.26 -8.54
CA ASP A 144 18.14 -5.55 -7.34
C ASP A 144 16.89 -6.12 -6.67
N LYS A 145 16.39 -7.26 -7.13
CA LYS A 145 15.15 -7.82 -6.59
C LYS A 145 15.24 -8.04 -5.09
N LYS A 146 16.35 -8.63 -4.62
CA LYS A 146 16.46 -8.88 -3.18
C LYS A 146 16.50 -7.57 -2.39
N ARG A 147 17.16 -6.55 -2.94
CA ARG A 147 17.20 -5.26 -2.25
C ARG A 147 15.81 -4.61 -2.24
N ILE A 148 15.03 -4.79 -3.30
CA ILE A 148 13.67 -4.25 -3.32
C ILE A 148 12.82 -4.92 -2.24
N ILE A 149 12.89 -6.25 -2.18
CA ILE A 149 12.18 -6.99 -1.13
C ILE A 149 12.63 -6.54 0.24
N ASP A 150 13.94 -6.37 0.43
CA ASP A 150 14.42 -5.96 1.75
C ASP A 150 14.00 -4.53 2.08
N SER A 151 13.89 -3.65 1.09
CA SER A 151 13.40 -2.31 1.34
C SER A 151 11.96 -2.33 1.84
N ALA A 152 11.11 -3.18 1.24
CA ALA A 152 9.75 -3.32 1.74
C ALA A 152 9.76 -3.84 3.17
N ARG A 153 10.52 -4.90 3.42
CA ARG A 153 10.60 -5.49 4.76
C ARG A 153 11.04 -4.45 5.78
N SER A 154 12.08 -3.69 5.45
CA SER A 154 12.64 -2.75 6.41
C SER A 154 11.63 -1.65 6.77
N ALA A 155 10.91 -1.15 5.77
CA ALA A 155 9.90 -0.11 6.04
C ALA A 155 8.77 -0.68 6.90
N TYR A 156 8.26 -1.85 6.53
CA TYR A 156 7.22 -2.47 7.34
C TYR A 156 7.71 -2.72 8.76
N GLN A 157 8.98 -3.15 8.91
CA GLN A 157 9.48 -3.46 10.24
C GLN A 157 9.59 -2.23 11.11
N GLU A 158 10.07 -1.11 10.55
CA GLU A 158 10.11 0.12 11.34
C GLU A 158 8.71 0.55 11.74
N ALA A 159 7.75 0.46 10.82
CA ALA A 159 6.36 0.78 11.14
C ALA A 159 5.83 -0.13 12.24
N MET A 160 6.15 -1.42 12.17
CA MET A 160 5.69 -2.36 13.18
CA MET A 160 5.68 -2.35 13.20
C MET A 160 6.26 -2.00 14.55
N ASP A 161 7.55 -1.70 14.60
CA ASP A 161 8.17 -1.41 15.89
C ASP A 161 7.52 -0.20 16.54
N ILE A 162 7.28 0.86 15.76
CA ILE A 162 6.62 2.05 16.31
C ILE A 162 5.19 1.72 16.73
N SER A 163 4.46 1.00 15.87
CA SER A 163 3.05 0.72 16.15
C SER A 163 2.88 -0.07 17.44
N LYS A 164 3.78 -1.02 17.70
CA LYS A 164 3.64 -1.83 18.91
C LYS A 164 3.95 -1.02 20.15
N LYS A 165 4.85 -0.03 20.05
CA LYS A 165 5.20 0.80 21.19
C LYS A 165 4.19 1.90 21.44
N GLU A 166 3.59 2.46 20.38
CA GLU A 166 2.87 3.72 20.48
C GLU A 166 1.38 3.65 20.20
N MET A 167 0.85 2.53 19.73
CA MET A 167 -0.57 2.45 19.40
C MET A 167 -1.19 1.28 20.13
N PRO A 168 -2.48 1.37 20.46
CA PRO A 168 -3.18 0.22 21.04
C PRO A 168 -3.36 -0.86 19.99
N PRO A 169 -3.54 -2.12 20.42
CA PRO A 169 -3.64 -3.23 19.45
C PRO A 169 -4.82 -3.14 18.53
N THR A 170 -5.83 -2.32 18.83
CA THR A 170 -6.99 -2.16 17.98
C THR A 170 -6.87 -0.98 17.02
N ASN A 171 -5.81 -0.19 17.10
CA ASN A 171 -5.70 0.98 16.24
C ASN A 171 -5.79 0.54 14.78
N PRO A 172 -6.71 1.09 13.99
CA PRO A 172 -6.86 0.61 12.60
C PRO A 172 -5.61 0.69 11.77
N ILE A 173 -4.76 1.69 11.98
CA ILE A 173 -3.51 1.77 11.23
C ILE A 173 -2.57 0.65 11.62
N ARG A 174 -2.44 0.37 12.92
CA ARG A 174 -1.67 -0.77 13.37
C ARG A 174 -2.20 -2.06 12.75
N LEU A 175 -3.52 -2.23 12.73
CA LEU A 175 -4.12 -3.43 12.15
C LEU A 175 -3.87 -3.53 10.66
N GLY A 176 -4.02 -2.42 9.93
CA GLY A 176 -3.82 -2.47 8.49
C GLY A 176 -2.37 -2.70 8.12
N LEU A 177 -1.45 -2.13 8.88
CA LEU A 177 -0.03 -2.42 8.70
C LEU A 177 0.24 -3.91 8.86
N ALA A 178 -0.29 -4.50 9.94
CA ALA A 178 -0.06 -5.92 10.18
C ALA A 178 -0.68 -6.77 9.07
N LEU A 179 -1.88 -6.41 8.63
CA LEU A 179 -2.52 -7.11 7.52
C LEU A 179 -1.61 -7.13 6.30
N ASN A 180 -1.06 -5.97 5.94
CA ASN A 180 -0.27 -5.87 4.72
C ASN A 180 1.10 -6.51 4.89
N PHE A 181 1.74 -6.35 6.06
CA PHE A 181 3.04 -6.99 6.28
C PHE A 181 2.88 -8.51 6.26
N SER A 182 1.77 -9.00 6.81
CA SER A 182 1.46 -10.42 6.72
C SER A 182 1.35 -10.89 5.27
N VAL A 183 0.65 -10.11 4.43
CA VAL A 183 0.59 -10.42 3.00
C VAL A 183 1.99 -10.39 2.37
N PHE A 184 2.79 -9.40 2.72
CA PHE A 184 4.19 -9.38 2.27
C PHE A 184 4.89 -10.70 2.59
N HIS A 185 4.77 -11.16 3.84
CA HIS A 185 5.41 -12.43 4.20
C HIS A 185 4.91 -13.57 3.31
N TYR A 186 3.61 -13.62 3.08
CA TYR A 186 3.02 -14.76 2.38
C TYR A 186 3.36 -14.73 0.89
N GLU A 187 3.22 -13.57 0.25
N GLU A 187 3.23 -13.57 0.26
CA GLU A 187 3.30 -13.48 -1.21
CA GLU A 187 3.25 -13.46 -1.19
C GLU A 187 4.69 -13.14 -1.71
C GLU A 187 4.57 -12.96 -1.78
N ILE A 188 5.44 -12.35 -0.97
CA ILE A 188 6.71 -11.80 -1.44
C ILE A 188 7.89 -12.55 -0.84
N ALA A 189 7.87 -12.76 0.47
CA ALA A 189 9.03 -13.28 1.17
C ALA A 189 9.02 -14.79 1.32
N ASN A 190 8.05 -15.48 0.74
CA ASN A 190 7.99 -16.95 0.81
C ASN A 190 8.00 -17.44 2.26
N SER A 191 7.27 -16.72 3.11
CA SER A 191 7.24 -16.99 4.56
C SER A 191 5.79 -17.15 5.01
N PRO A 192 5.08 -18.18 4.54
CA PRO A 192 3.68 -18.33 4.92
C PRO A 192 3.48 -18.52 6.41
N GLU A 193 4.40 -19.21 7.10
CA GLU A 193 4.22 -19.38 8.54
C GLU A 193 4.29 -18.04 9.27
N GLU A 194 5.24 -17.18 8.89
CA GLU A 194 5.30 -15.86 9.50
C GLU A 194 4.05 -15.05 9.20
N ALA A 195 3.55 -15.16 7.98
CA ALA A 195 2.32 -14.47 7.59
C ALA A 195 1.15 -14.89 8.48
N ILE A 196 1.00 -16.20 8.69
CA ILE A 196 -0.11 -16.72 9.46
C ILE A 196 0.04 -16.34 10.93
N SER A 197 1.25 -16.49 11.47
CA SER A 197 1.49 -16.13 12.86
C SER A 197 1.20 -14.65 13.11
N LEU A 198 1.67 -13.78 12.21
CA LEU A 198 1.43 -12.36 12.39
C LEU A 198 -0.06 -12.05 12.34
N ALA A 199 -0.79 -12.60 11.37
CA ALA A 199 -2.21 -12.30 11.27
C ALA A 199 -2.96 -12.80 12.50
N LYS A 200 -2.62 -14.00 12.99
CA LYS A 200 -3.32 -14.57 14.13
C LYS A 200 -3.04 -13.78 15.41
N THR A 201 -1.76 -13.50 15.67
CA THR A 201 -1.42 -12.76 16.88
C THR A 201 -2.03 -11.36 16.86
N THR A 202 -2.00 -10.71 15.69
CA THR A 202 -2.61 -9.38 15.58
C THR A 202 -4.10 -9.45 15.87
N PHE A 203 -4.79 -10.44 15.27
CA PHE A 203 -6.22 -10.58 15.49
C PHE A 203 -6.52 -10.80 16.96
N ASP A 204 -5.79 -11.73 17.59
CA ASP A 204 -6.10 -12.09 18.97
C ASP A 204 -5.84 -10.93 19.93
N GLU A 205 -4.77 -10.18 19.70
CA GLU A 205 -4.48 -9.07 20.58
C GLU A 205 -5.47 -7.94 20.40
N ALA A 206 -5.96 -7.75 19.18
CA ALA A 206 -7.02 -6.76 18.96
C ALA A 206 -8.31 -7.19 19.65
N MET A 207 -8.69 -8.47 19.50
CA MET A 207 -9.88 -8.98 20.14
CA MET A 207 -9.88 -8.99 20.14
C MET A 207 -9.90 -8.63 21.63
N ALA A 208 -8.77 -8.82 22.30
CA ALA A 208 -8.68 -8.62 23.73
C ALA A 208 -8.77 -7.16 24.15
N ASP A 209 -8.61 -6.22 23.21
CA ASP A 209 -8.65 -4.78 23.46
CA ASP A 209 -8.70 -4.81 23.56
C ASP A 209 -9.96 -4.15 23.04
N LEU A 210 -10.84 -4.88 22.36
CA LEU A 210 -12.08 -4.29 21.86
C LEU A 210 -12.94 -3.73 22.99
N HIS A 211 -12.84 -4.32 24.18
CA HIS A 211 -13.69 -3.90 25.31
C HIS A 211 -13.46 -2.45 25.72
N THR A 212 -12.33 -1.86 25.32
CA THR A 212 -11.99 -0.49 25.69
C THR A 212 -12.62 0.56 24.77
N LEU A 213 -13.27 0.13 23.69
CA LEU A 213 -13.61 1.01 22.59
C LEU A 213 -15.08 1.44 22.62
N SER A 214 -15.33 2.62 22.05
CA SER A 214 -16.66 3.06 21.73
C SER A 214 -17.24 2.21 20.60
N GLU A 215 -18.54 2.36 20.38
CA GLU A 215 -19.19 1.64 19.28
C GLU A 215 -18.57 1.97 17.93
N ASP A 216 -18.25 3.24 17.70
CA ASP A 216 -17.71 3.62 16.40
C ASP A 216 -16.28 3.09 16.21
N SER A 217 -15.44 3.19 17.26
CA SER A 217 -14.10 2.63 17.16
C SER A 217 -14.16 1.11 16.99
N TYR A 218 -15.09 0.46 17.69
N TYR A 218 -15.09 0.46 17.70
CA TYR A 218 -15.28 -0.98 17.55
CA TYR A 218 -15.31 -0.97 17.55
C TYR A 218 -15.59 -1.35 16.10
C TYR A 218 -15.57 -1.33 16.10
N LYS A 219 -16.46 -0.58 15.44
CA LYS A 219 -16.75 -0.85 14.04
C LYS A 219 -15.50 -0.72 13.18
N ASP A 220 -14.71 0.33 13.42
CA ASP A 220 -13.49 0.54 12.63
C ASP A 220 -12.52 -0.62 12.81
N SER A 221 -12.30 -1.02 14.06
CA SER A 221 -11.30 -2.05 14.33
C SER A 221 -11.75 -3.41 13.83
N THR A 222 -13.03 -3.77 14.07
CA THR A 222 -13.50 -5.08 13.66
C THR A 222 -13.52 -5.22 12.14
N LEU A 223 -13.70 -4.11 11.41
CA LEU A 223 -13.63 -4.16 9.96
C LEU A 223 -12.28 -4.71 9.49
N ILE A 224 -11.19 -4.18 10.04
CA ILE A 224 -9.86 -4.65 9.65
C ILE A 224 -9.59 -6.03 10.21
N MET A 225 -10.08 -6.32 11.43
CA MET A 225 -9.91 -7.66 11.98
C MET A 225 -10.54 -8.71 11.09
N GLN A 226 -11.69 -8.39 10.48
CA GLN A 226 -12.32 -9.36 9.58
C GLN A 226 -11.44 -9.65 8.36
N LEU A 227 -10.70 -8.65 7.87
CA LEU A 227 -9.77 -8.87 6.77
C LEU A 227 -8.64 -9.81 7.19
N LEU A 228 -8.14 -9.66 8.42
CA LEU A 228 -7.14 -10.61 8.92
C LEU A 228 -7.72 -12.01 8.96
N ARG A 229 -8.94 -12.15 9.46
CA ARG A 229 -9.60 -13.45 9.49
C ARG A 229 -9.81 -14.00 8.08
N ASP A 230 -10.20 -13.15 7.14
CA ASP A 230 -10.39 -13.61 5.76
C ASP A 230 -9.11 -14.18 5.20
N ASN A 231 -7.98 -13.49 5.42
CA ASN A 231 -6.70 -14.01 4.94
C ASN A 231 -6.34 -15.31 5.63
N LEU A 232 -6.55 -15.40 6.94
CA LEU A 232 -6.27 -16.64 7.65
C LEU A 232 -7.10 -17.79 7.10
N THR A 233 -8.36 -17.53 6.77
CA THR A 233 -9.20 -18.57 6.18
C THR A 233 -8.67 -19.00 4.81
N LEU A 234 -8.19 -18.05 4.03
CA LEU A 234 -7.60 -18.36 2.73
C LEU A 234 -6.36 -19.23 2.87
N TRP A 235 -5.59 -19.04 3.95
CA TRP A 235 -4.27 -19.63 4.08
C TRP A 235 -4.24 -20.90 4.90
N THR A 236 -5.35 -21.28 5.51
CA THR A 236 -5.39 -22.46 6.37
C THR A 236 -6.54 -23.37 5.98
N PHE B 4 -6.70 -13.12 -4.59
CA PHE B 4 -5.65 -12.41 -3.86
C PHE B 4 -6.09 -12.10 -2.43
N PRO B 5 -5.13 -12.04 -1.51
CA PRO B 5 -5.47 -11.72 -0.11
C PRO B 5 -5.76 -10.23 0.05
N ALA B 6 -6.41 -9.91 1.16
CA ALA B 6 -6.83 -8.53 1.43
C ALA B 6 -5.68 -7.67 1.94
N VAL B 8 -4.98 -3.15 2.79
CA VAL B 8 -5.62 -1.83 2.91
C VAL B 8 -4.63 -0.71 2.73
#